data_5TWT
#
_entry.id   5TWT
#
_cell.length_a   53.854
_cell.length_b   59.432
_cell.length_c   96.874
_cell.angle_alpha   90.000
_cell.angle_beta   90.000
_cell.angle_gamma   90.000
#
_symmetry.space_group_name_H-M   'P 21 21 21'
#
loop_
_entity.id
_entity.type
_entity.pdbx_description
1 polymer 'Peroxidase Pvi9'
2 non-polymer 'PROTOPORPHYRIN IX CONTAINING FE'
3 non-polymer 'CALCIUM ION'
4 non-polymer 'SULFATE ION'
5 water water
#
_entity_poly.entity_id   1
_entity_poly.type   'polypeptide(L)'
_entity_poly.pdbx_seq_one_letter_code
;MHHHHHHSSGLVPRGSGMKETAAAKFERQHMDSPDLGTQLSSTFYDTSCPNALSTIRSAVNAAVAQENRMGASLLRLHFH
DCFVQGCDASVLLNDTNGGEQNALPNAGSLRGFGVIDNIKAQVEALCPQTVSCADILAVAARDSVVALGGPSWTVPLGRR
DSTNSSAALANSDLPPPQFNLSQLITAFGNKNLDPTDLVALSGAHTIGQAQCLNFRAHITEPNINPTFAASLRANCPATG
GDTNLAPLDVTTPNTFDNAYYTNLLNQRGLLHSDQELFNNASTDSTVRNFASNAAAFTTAFTTAMIKMGNLQPLTGTQGQ
IRRNCWRVNSS
;
_entity_poly.pdbx_strand_id   A
#
# COMPACT_ATOMS: atom_id res chain seq x y z
N GLN A 39 0.41 10.71 -20.00
CA GLN A 39 1.26 11.92 -19.80
C GLN A 39 2.41 11.64 -18.83
N LEU A 40 2.39 10.48 -18.16
CA LEU A 40 3.42 10.15 -17.18
C LEU A 40 4.62 9.51 -17.87
N SER A 41 5.82 9.85 -17.38
CA SER A 41 7.08 9.48 -18.01
C SER A 41 8.11 9.18 -16.95
N SER A 42 8.89 8.11 -17.15
CA SER A 42 9.89 7.76 -16.15
C SER A 42 11.03 8.77 -16.08
N THR A 43 11.20 9.59 -17.11
CA THR A 43 12.30 10.54 -17.22
C THR A 43 11.87 11.96 -16.88
N PHE A 44 10.70 12.12 -16.26
CA PHE A 44 10.08 13.43 -16.08
C PHE A 44 11.01 14.44 -15.39
N TYR A 45 11.83 13.99 -14.43
CA TYR A 45 12.67 14.91 -13.66
C TYR A 45 14.14 14.90 -14.10
N ASP A 46 14.45 14.27 -15.23
CA ASP A 46 15.86 14.07 -15.57
C ASP A 46 16.59 15.38 -15.82
N THR A 47 15.87 16.44 -16.22
CA THR A 47 16.47 17.77 -16.28
C THR A 47 15.99 18.71 -15.17
N SER A 48 14.72 18.63 -14.77
CA SER A 48 14.20 19.61 -13.82
C SER A 48 14.59 19.33 -12.39
N CYS A 49 14.90 18.08 -12.04
CA CYS A 49 15.43 17.76 -10.72
C CYS A 49 16.24 16.49 -10.81
N PRO A 50 17.45 16.58 -11.38
CA PRO A 50 18.27 15.39 -11.63
C PRO A 50 18.49 14.49 -10.43
N ASN A 51 18.64 15.05 -9.23
CA ASN A 51 18.97 14.24 -8.07
C ASN A 51 17.77 13.90 -7.19
N ALA A 52 16.56 14.12 -7.69
CA ALA A 52 15.38 13.79 -6.89
C ALA A 52 15.33 12.31 -6.58
N LEU A 53 15.41 11.46 -7.60
CA LEU A 53 15.18 10.04 -7.38
C LEU A 53 16.24 9.43 -6.48
N SER A 54 17.51 9.83 -6.64
CA SER A 54 18.55 9.29 -5.78
C SER A 54 18.42 9.79 -4.36
N THR A 55 17.95 11.04 -4.17
CA THR A 55 17.68 11.55 -2.83
C THR A 55 16.55 10.77 -2.18
N ILE A 56 15.48 10.48 -2.93
CA ILE A 56 14.40 9.69 -2.37
C ILE A 56 14.90 8.30 -2.00
N ARG A 57 15.70 7.69 -2.88
CA ARG A 57 16.19 6.34 -2.63
C ARG A 57 17.00 6.29 -1.34
N SER A 58 17.93 7.24 -1.17
CA SER A 58 18.76 7.21 0.02
C SER A 58 17.90 7.33 1.27
N ALA A 59 16.92 8.22 1.23
CA ALA A 59 16.08 8.45 2.41
C ALA A 59 15.19 7.25 2.70
N VAL A 60 14.60 6.65 1.67
CA VAL A 60 13.76 5.48 1.89
C VAL A 60 14.60 4.33 2.41
N ASN A 61 15.76 4.09 1.81
CA ASN A 61 16.62 3.00 2.30
C ASN A 61 16.96 3.23 3.77
N ALA A 62 17.24 4.46 4.15
CA ALA A 62 17.57 4.72 5.55
C ALA A 62 16.35 4.51 6.45
N ALA A 63 15.17 4.91 6.00
CA ALA A 63 13.96 4.73 6.81
C ALA A 63 13.65 3.25 7.00
N VAL A 64 13.83 2.46 5.96
CA VAL A 64 13.54 1.03 6.06
C VAL A 64 14.58 0.34 6.92
N ALA A 65 15.85 0.76 6.81
CA ALA A 65 16.89 0.23 7.68
C ALA A 65 16.59 0.56 9.14
N GLN A 66 16.05 1.74 9.40
CA GLN A 66 15.70 2.12 10.77
C GLN A 66 14.55 1.29 11.31
N GLU A 67 13.54 1.04 10.48
CA GLU A 67 12.39 0.23 10.86
C GLU A 67 11.88 -0.46 9.60
N ASN A 68 12.07 -1.78 9.50
CA ASN A 68 11.65 -2.47 8.27
C ASN A 68 10.17 -2.28 7.99
N ARG A 69 9.33 -2.25 9.04
CA ARG A 69 7.90 -2.07 8.82
C ARG A 69 7.61 -0.80 8.03
N MET A 70 8.44 0.23 8.20
CA MET A 70 8.16 1.48 7.50
C MET A 70 8.08 1.29 5.99
N GLY A 71 8.81 0.33 5.43
CA GLY A 71 8.67 0.06 4.01
C GLY A 71 7.28 -0.39 3.66
N ALA A 72 6.69 -1.26 4.48
CA ALA A 72 5.31 -1.67 4.30
C ALA A 72 4.38 -0.48 4.44
N SER A 73 4.62 0.36 5.45
CA SER A 73 3.74 1.50 5.68
C SER A 73 3.73 2.44 4.47
N LEU A 74 4.90 2.67 3.87
CA LEU A 74 4.96 3.57 2.71
C LEU A 74 4.29 2.96 1.49
N LEU A 75 4.46 1.66 1.28
CA LEU A 75 3.74 1.00 0.21
C LEU A 75 2.24 1.18 0.38
N ARG A 76 1.74 0.97 1.60
CA ARG A 76 0.31 1.08 1.83
C ARG A 76 -0.17 2.52 1.66
N LEU A 77 0.64 3.47 2.06
CA LEU A 77 0.25 4.86 1.90
C LEU A 77 0.03 5.21 0.43
N HIS A 78 0.88 4.70 -0.45
CA HIS A 78 0.69 4.92 -1.88
C HIS A 78 -0.59 4.27 -2.39
N PHE A 79 -0.91 3.06 -1.93
CA PHE A 79 -2.18 2.43 -2.26
C PHE A 79 -3.36 3.30 -1.81
N HIS A 80 -3.33 3.79 -0.57
CA HIS A 80 -4.43 4.60 -0.08
C HIS A 80 -4.49 5.94 -0.78
N ASP A 81 -3.38 6.42 -1.35
CA ASP A 81 -3.48 7.57 -2.24
C ASP A 81 -4.20 7.18 -3.52
N CYS A 82 -3.68 6.18 -4.22
CA CYS A 82 -4.12 5.91 -5.58
C CYS A 82 -5.56 5.47 -5.69
N PHE A 83 -6.07 4.77 -4.68
CA PHE A 83 -7.44 4.27 -4.73
C PHE A 83 -8.47 5.33 -4.39
N VAL A 84 -8.08 6.56 -4.07
CA VAL A 84 -9.02 7.59 -3.67
C VAL A 84 -8.74 8.82 -4.52
N GLN A 85 -9.60 9.07 -5.50
CA GLN A 85 -9.46 10.12 -6.51
C GLN A 85 -8.06 10.17 -7.11
N GLY A 86 -7.47 9.00 -7.34
CA GLY A 86 -6.23 8.91 -8.07
C GLY A 86 -5.01 9.14 -7.20
N CYS A 87 -3.85 8.90 -7.81
CA CYS A 87 -2.56 9.10 -7.13
C CYS A 87 -2.24 10.58 -7.24
N ASP A 88 -2.74 11.35 -6.29
CA ASP A 88 -2.72 12.81 -6.30
C ASP A 88 -2.29 13.38 -4.96
N ALA A 89 -1.73 12.53 -4.08
CA ALA A 89 -1.31 12.91 -2.74
C ALA A 89 -2.45 13.44 -1.88
N SER A 90 -3.70 13.15 -2.25
CA SER A 90 -4.82 13.67 -1.46
C SER A 90 -4.78 13.15 -0.03
N VAL A 91 -4.27 11.93 0.17
CA VAL A 91 -4.25 11.33 1.49
C VAL A 91 -3.32 12.04 2.44
N LEU A 92 -2.39 12.86 1.92
CA LEU A 92 -1.42 13.51 2.77
C LEU A 92 -1.92 14.82 3.35
N LEU A 93 -3.00 15.38 2.80
CA LEU A 93 -3.48 16.67 3.29
C LEU A 93 -4.07 16.51 4.68
N ASN A 94 -3.69 17.42 5.58
CA ASN A 94 -4.31 17.44 6.90
C ASN A 94 -4.64 18.86 7.34
N ASP A 95 -4.61 19.82 6.41
CA ASP A 95 -5.16 21.15 6.64
C ASP A 95 -6.67 21.12 6.47
N THR A 96 -7.32 22.27 6.30
CA THR A 96 -8.76 22.27 6.09
C THR A 96 -9.18 21.58 4.79
N ASN A 97 -8.25 21.36 3.87
CA ASN A 97 -8.55 20.64 2.64
C ASN A 97 -8.36 19.14 2.78
N GLY A 98 -7.90 18.68 3.93
CA GLY A 98 -7.71 17.28 4.18
C GLY A 98 -8.97 16.62 4.69
N GLY A 99 -8.78 15.50 5.38
CA GLY A 99 -9.90 14.75 5.91
C GLY A 99 -9.80 13.28 5.63
N GLU A 100 -9.09 12.84 4.59
CA GLU A 100 -9.03 11.41 4.33
C GLU A 100 -8.41 10.68 5.51
N GLN A 101 -7.50 11.32 6.24
CA GLN A 101 -6.82 10.67 7.34
C GLN A 101 -7.79 10.30 8.47
N ASN A 102 -8.97 10.92 8.51
CA ASN A 102 -9.98 10.63 9.51
C ASN A 102 -11.04 9.63 9.05
N ALA A 103 -11.01 9.20 7.80
CA ALA A 103 -11.92 8.16 7.35
C ALA A 103 -11.56 6.85 8.03
N LEU A 104 -12.58 6.02 8.27
CA LEU A 104 -12.40 4.73 8.95
C LEU A 104 -11.23 3.91 8.45
N PRO A 105 -11.04 3.70 7.14
CA PRO A 105 -9.92 2.84 6.71
C PRO A 105 -8.56 3.41 7.04
N ASN A 106 -8.47 4.70 7.33
CA ASN A 106 -7.18 5.36 7.51
C ASN A 106 -6.87 5.72 8.94
N ALA A 107 -7.86 6.13 9.72
CA ALA A 107 -7.60 6.73 11.01
C ALA A 107 -7.00 5.72 11.97
N GLY A 108 -5.93 6.14 12.65
CA GLY A 108 -5.22 5.26 13.57
C GLY A 108 -4.50 4.11 12.91
N SER A 109 -4.34 4.13 11.60
CA SER A 109 -3.84 2.98 10.88
C SER A 109 -2.73 3.35 9.91
N LEU A 110 -2.96 4.34 9.05
CA LEU A 110 -1.91 4.78 8.14
C LEU A 110 -0.77 5.42 8.92
N ARG A 111 0.43 5.27 8.37
CA ARG A 111 1.61 5.85 8.98
C ARG A 111 2.64 6.10 7.89
N GLY A 112 3.74 6.75 8.28
CA GLY A 112 4.75 7.17 7.33
C GLY A 112 4.62 8.59 6.86
N PHE A 113 3.62 9.33 7.35
CA PHE A 113 3.45 10.72 6.94
C PHE A 113 4.70 11.53 7.22
N GLY A 114 5.34 11.29 8.36
CA GLY A 114 6.52 12.06 8.73
C GLY A 114 7.71 11.73 7.87
N VAL A 115 7.86 10.46 7.49
CA VAL A 115 8.92 10.08 6.56
C VAL A 115 8.73 10.81 5.23
N ILE A 116 7.51 10.78 4.69
CA ILE A 116 7.25 11.45 3.42
C ILE A 116 7.54 12.94 3.53
N ASP A 117 7.11 13.56 4.63
CA ASP A 117 7.38 14.98 4.83
C ASP A 117 8.88 15.24 4.86
N ASN A 118 9.63 14.37 5.53
CA ASN A 118 11.06 14.55 5.64
C ASN A 118 11.74 14.42 4.27
N ILE A 119 11.29 13.46 3.46
CA ILE A 119 11.81 13.32 2.10
C ILE A 119 11.45 14.53 1.27
N LYS A 120 10.20 14.98 1.36
CA LYS A 120 9.77 16.14 0.59
C LYS A 120 10.64 17.35 0.88
N ALA A 121 10.95 17.58 2.16
CA ALA A 121 11.78 18.74 2.50
C ALA A 121 13.18 18.59 1.92
N GLN A 122 13.71 17.38 1.89
CA GLN A 122 15.02 17.18 1.27
C GLN A 122 14.97 17.52 -0.21
N VAL A 123 13.92 17.08 -0.90
CA VAL A 123 13.82 17.34 -2.33
C VAL A 123 13.56 18.82 -2.60
N GLU A 124 12.73 19.45 -1.77
CA GLU A 124 12.49 20.89 -1.92
C GLU A 124 13.77 21.69 -1.78
N ALA A 125 14.71 21.22 -0.96
CA ALA A 125 15.97 21.92 -0.76
C ALA A 125 16.89 21.79 -1.98
N LEU A 126 16.63 20.80 -2.82
CA LEU A 126 17.39 20.50 -4.01
C LEU A 126 16.80 21.15 -5.25
N CYS A 127 15.49 21.21 -5.34
CA CYS A 127 14.79 21.76 -6.50
C CYS A 127 13.42 22.27 -6.02
N PRO A 128 13.34 23.52 -5.61
CA PRO A 128 12.09 24.02 -5.02
C PRO A 128 10.90 23.86 -5.94
N GLN A 129 9.80 23.41 -5.34
CA GLN A 129 8.48 23.34 -5.96
C GLN A 129 8.53 22.72 -7.36
N THR A 130 9.19 21.57 -7.43
CA THR A 130 9.35 20.84 -8.68
C THR A 130 8.78 19.42 -8.61
N VAL A 131 9.10 18.69 -7.55
CA VAL A 131 8.74 17.27 -7.46
C VAL A 131 7.49 17.16 -6.62
N SER A 132 6.45 16.55 -7.18
CA SER A 132 5.18 16.45 -6.48
C SER A 132 5.24 15.44 -5.35
N CYS A 133 4.42 15.69 -4.33
CA CYS A 133 4.22 14.71 -3.28
C CYS A 133 3.67 13.41 -3.84
N ALA A 134 2.80 13.49 -4.85
CA ALA A 134 2.23 12.29 -5.42
C ALA A 134 3.30 11.40 -6.03
N ASP A 135 4.27 12.00 -6.72
CA ASP A 135 5.36 11.22 -7.29
C ASP A 135 6.28 10.68 -6.19
N ILE A 136 6.54 11.47 -5.15
CA ILE A 136 7.36 10.97 -4.05
C ILE A 136 6.74 9.73 -3.43
N LEU A 137 5.42 9.71 -3.25
CA LEU A 137 4.77 8.53 -2.69
C LEU A 137 4.98 7.33 -3.59
N ALA A 138 4.84 7.50 -4.90
CA ALA A 138 4.98 6.37 -5.80
C ALA A 138 6.40 5.83 -5.80
N VAL A 139 7.38 6.73 -5.84
CA VAL A 139 8.79 6.31 -5.82
C VAL A 139 9.12 5.64 -4.50
N ALA A 140 8.65 6.23 -3.39
CA ALA A 140 8.95 5.65 -2.09
C ALA A 140 8.38 4.25 -1.96
N ALA A 141 7.21 4.01 -2.53
CA ALA A 141 6.61 2.67 -2.50
C ALA A 141 7.49 1.67 -3.22
N ARG A 142 7.95 2.01 -4.41
CA ARG A 142 8.81 1.12 -5.17
C ARG A 142 10.13 0.91 -4.44
N ASP A 143 10.73 2.01 -3.97
CA ASP A 143 12.00 1.87 -3.26
C ASP A 143 11.84 1.04 -1.99
N SER A 144 10.69 1.12 -1.34
CA SER A 144 10.46 0.34 -0.13
C SER A 144 10.39 -1.15 -0.44
N VAL A 145 9.63 -1.50 -1.48
CA VAL A 145 9.53 -2.89 -1.90
C VAL A 145 10.92 -3.46 -2.19
N VAL A 146 11.74 -2.70 -2.92
CA VAL A 146 13.09 -3.17 -3.25
C VAL A 146 13.94 -3.30 -2.01
N ALA A 147 13.82 -2.35 -1.09
CA ALA A 147 14.63 -2.40 0.12
C ALA A 147 14.31 -3.63 0.96
N LEU A 148 13.11 -4.17 0.84
CA LEU A 148 12.71 -5.34 1.62
C LEU A 148 12.84 -6.62 0.82
N GLY A 149 13.56 -6.57 -0.30
CA GLY A 149 13.87 -7.75 -1.07
C GLY A 149 12.97 -8.00 -2.24
N GLY A 150 12.05 -7.08 -2.55
CA GLY A 150 11.09 -7.28 -3.61
C GLY A 150 11.57 -6.79 -4.95
N PRO A 151 10.72 -6.91 -5.95
CA PRO A 151 11.08 -6.54 -7.31
C PRO A 151 11.08 -5.03 -7.50
N SER A 152 11.95 -4.60 -8.39
CA SER A 152 11.91 -3.23 -8.88
C SER A 152 11.04 -3.14 -10.13
N TRP A 153 10.65 -1.93 -10.45
CA TRP A 153 9.93 -1.64 -11.67
C TRP A 153 10.15 -0.17 -11.99
N THR A 154 9.79 0.22 -13.20
CA THR A 154 9.94 1.60 -13.64
C THR A 154 8.72 2.40 -13.23
N VAL A 155 8.95 3.47 -12.48
CA VAL A 155 7.88 4.31 -11.95
C VAL A 155 7.69 5.48 -12.92
N PRO A 156 6.57 5.59 -13.62
CA PRO A 156 6.32 6.80 -14.39
C PRO A 156 6.04 7.96 -13.45
N LEU A 157 6.41 9.16 -13.91
CA LEU A 157 6.40 10.35 -13.07
C LEU A 157 5.74 11.49 -13.82
N GLY A 158 5.47 12.58 -13.08
CA GLY A 158 4.72 13.70 -13.61
C GLY A 158 3.36 13.88 -12.98
N ARG A 159 3.03 13.11 -11.97
CA ARG A 159 1.80 13.35 -11.22
C ARG A 159 1.89 14.70 -10.50
N ARG A 160 0.75 15.33 -10.31
CA ARG A 160 0.68 16.56 -9.57
C ARG A 160 -0.22 16.39 -8.35
N ASP A 161 -0.18 17.37 -7.46
CA ASP A 161 -0.82 17.26 -6.16
C ASP A 161 -2.19 17.91 -6.17
N SER A 162 -3.16 17.24 -5.57
CA SER A 162 -4.52 17.75 -5.51
C SER A 162 -4.61 18.94 -4.56
N THR A 163 -5.68 19.73 -4.73
CA THR A 163 -6.01 20.79 -3.80
C THR A 163 -7.21 20.43 -2.94
N ASN A 164 -7.64 19.18 -2.97
CA ASN A 164 -8.73 18.73 -2.13
C ASN A 164 -8.49 17.27 -1.81
N SER A 165 -9.39 16.71 -1.02
CA SER A 165 -9.32 15.33 -0.59
C SER A 165 -10.74 14.80 -0.46
N SER A 166 -10.88 13.50 -0.27
CA SER A 166 -12.23 12.91 -0.21
C SER A 166 -12.31 11.78 0.81
N ALA A 167 -12.64 12.12 2.05
CA ALA A 167 -12.96 11.10 3.03
C ALA A 167 -14.11 10.22 2.55
N ALA A 168 -15.09 10.81 1.86
CA ALA A 168 -16.23 10.04 1.37
C ALA A 168 -15.77 8.95 0.41
N LEU A 169 -14.87 9.29 -0.52
CA LEU A 169 -14.38 8.30 -1.46
C LEU A 169 -13.44 7.31 -0.79
N ALA A 170 -12.71 7.74 0.24
CA ALA A 170 -11.91 6.80 0.99
C ALA A 170 -12.80 5.72 1.59
N ASN A 171 -13.92 6.11 2.20
CA ASN A 171 -14.83 5.14 2.77
C ASN A 171 -15.43 4.24 1.71
N SER A 172 -15.79 4.79 0.55
CA SER A 172 -16.45 3.96 -0.45
C SER A 172 -15.48 3.09 -1.23
N ASP A 173 -14.24 3.52 -1.44
CA ASP A 173 -13.38 2.87 -2.41
C ASP A 173 -12.31 1.98 -1.80
N LEU A 174 -11.98 2.15 -0.52
CA LEU A 174 -10.97 1.31 0.08
C LEU A 174 -11.63 0.07 0.67
N PRO A 175 -11.13 -1.13 0.37
CA PRO A 175 -11.80 -2.34 0.83
C PRO A 175 -11.50 -2.61 2.30
N PRO A 176 -12.52 -2.90 3.11
CA PRO A 176 -12.27 -3.32 4.49
C PRO A 176 -12.02 -4.82 4.58
N PRO A 177 -11.40 -5.29 5.67
CA PRO A 177 -10.96 -6.67 5.72
C PRO A 177 -12.08 -7.67 5.83
N GLN A 178 -13.29 -7.24 6.19
CA GLN A 178 -14.41 -8.18 6.26
C GLN A 178 -15.05 -8.43 4.91
N PHE A 179 -14.59 -7.76 3.84
CA PHE A 179 -15.11 -8.05 2.51
C PHE A 179 -14.88 -9.52 2.13
N ASN A 180 -15.84 -10.07 1.42
CA ASN A 180 -15.67 -11.37 0.80
C ASN A 180 -15.11 -11.20 -0.60
N LEU A 181 -14.78 -12.32 -1.22
CA LEU A 181 -14.11 -12.26 -2.51
C LEU A 181 -14.89 -11.46 -3.52
N SER A 182 -16.21 -11.64 -3.58
CA SER A 182 -16.98 -10.95 -4.60
C SER A 182 -16.90 -9.44 -4.44
N GLN A 183 -16.88 -8.95 -3.20
CA GLN A 183 -16.77 -7.52 -2.96
C GLN A 183 -15.37 -7.02 -3.25
N LEU A 184 -14.36 -7.84 -2.97
CA LEU A 184 -12.99 -7.47 -3.31
C LEU A 184 -12.83 -7.35 -4.82
N ILE A 185 -13.37 -8.31 -5.57
CA ILE A 185 -13.28 -8.25 -7.03
C ILE A 185 -13.95 -7.00 -7.54
N THR A 186 -15.13 -6.67 -7.01
CA THR A 186 -15.83 -5.47 -7.46
C THR A 186 -15.05 -4.20 -7.12
N ALA A 187 -14.49 -4.14 -5.91
CA ALA A 187 -13.77 -2.94 -5.50
C ALA A 187 -12.55 -2.71 -6.38
N PHE A 188 -11.84 -3.78 -6.73
CA PHE A 188 -10.68 -3.65 -7.60
C PHE A 188 -11.11 -3.39 -9.05
N GLY A 189 -12.19 -4.03 -9.48
CA GLY A 189 -12.72 -3.78 -10.81
C GLY A 189 -13.15 -2.35 -11.03
N ASN A 190 -13.62 -1.68 -9.98
CA ASN A 190 -13.98 -0.27 -10.09
C ASN A 190 -12.77 0.61 -10.35
N LYS A 191 -11.57 0.09 -10.12
CA LYS A 191 -10.32 0.75 -10.48
C LYS A 191 -9.68 0.12 -11.71
N ASN A 192 -10.44 -0.67 -12.47
CA ASN A 192 -9.97 -1.34 -13.67
C ASN A 192 -8.81 -2.29 -13.40
N LEU A 193 -8.80 -2.86 -12.20
CA LEU A 193 -7.86 -3.90 -11.82
C LEU A 193 -8.62 -5.22 -11.81
N ASP A 194 -8.09 -6.21 -12.51
CA ASP A 194 -8.79 -7.49 -12.66
C ASP A 194 -8.47 -8.44 -11.52
N PRO A 195 -9.09 -9.60 -11.47
CA PRO A 195 -8.87 -10.48 -10.32
C PRO A 195 -7.42 -10.90 -10.13
N THR A 196 -6.66 -11.07 -11.20
CA THR A 196 -5.24 -11.38 -11.02
C THR A 196 -4.52 -10.23 -10.34
N ASP A 197 -4.85 -8.99 -10.72
CA ASP A 197 -4.26 -7.84 -10.07
C ASP A 197 -4.61 -7.83 -8.59
N LEU A 198 -5.85 -8.18 -8.26
CA LEU A 198 -6.24 -8.30 -6.86
C LEU A 198 -5.38 -9.31 -6.13
N VAL A 199 -5.20 -10.49 -6.69
CA VAL A 199 -4.44 -11.53 -5.99
C VAL A 199 -3.00 -11.08 -5.82
N ALA A 200 -2.42 -10.49 -6.88
CA ALA A 200 -1.03 -10.05 -6.83
C ALA A 200 -0.85 -8.90 -5.85
N LEU A 201 -1.73 -7.90 -5.89
CA LEU A 201 -1.57 -6.76 -4.99
C LEU A 201 -1.82 -7.15 -3.55
N SER A 202 -2.69 -8.12 -3.29
CA SER A 202 -2.88 -8.61 -1.93
C SER A 202 -1.59 -9.16 -1.36
N GLY A 203 -0.68 -9.62 -2.23
CA GLY A 203 0.61 -10.07 -1.78
C GLY A 203 1.47 -9.00 -1.16
N ALA A 204 1.05 -7.74 -1.24
CA ALA A 204 1.75 -6.71 -0.48
C ALA A 204 1.76 -7.05 1.00
N HIS A 205 0.79 -7.85 1.46
CA HIS A 205 0.72 -8.30 2.84
C HIS A 205 1.81 -9.29 3.19
N THR A 206 2.70 -9.59 2.27
CA THR A 206 3.92 -10.31 2.59
C THR A 206 4.85 -9.51 3.49
N ILE A 207 4.60 -8.21 3.66
CA ILE A 207 5.33 -7.37 4.60
C ILE A 207 4.34 -6.59 5.45
N GLY A 208 4.78 -6.20 6.64
CA GLY A 208 4.00 -5.31 7.48
C GLY A 208 3.14 -6.01 8.51
N GLN A 209 2.33 -5.18 9.18
CA GLN A 209 1.59 -5.56 10.38
C GLN A 209 0.14 -5.13 10.28
N ALA A 210 -0.69 -5.77 11.08
CA ALA A 210 -2.09 -5.39 11.25
C ALA A 210 -2.44 -5.35 12.72
N GLN A 211 -3.41 -4.51 13.05
CA GLN A 211 -3.92 -4.39 14.40
C GLN A 211 -5.01 -5.41 14.68
N CYS A 212 -5.03 -5.87 15.92
CA CYS A 212 -6.01 -6.84 16.39
C CYS A 212 -7.43 -6.48 15.97
N LEU A 213 -7.81 -5.21 16.05
CA LEU A 213 -9.20 -4.92 15.75
C LEU A 213 -9.56 -5.28 14.32
N ASN A 214 -8.59 -5.36 13.42
CA ASN A 214 -8.88 -5.68 12.03
C ASN A 214 -8.79 -7.15 11.69
N PHE A 215 -8.21 -7.99 12.53
CA PHE A 215 -8.20 -9.42 12.27
C PHE A 215 -8.90 -10.24 13.34
N ARG A 216 -9.36 -9.61 14.43
CA ARG A 216 -9.96 -10.43 15.49
C ARG A 216 -11.15 -11.21 14.97
N ALA A 217 -11.90 -10.67 14.01
CA ALA A 217 -13.04 -11.41 13.50
C ALA A 217 -12.61 -12.70 12.84
N HIS A 218 -11.46 -12.69 12.15
CA HIS A 218 -11.05 -13.89 11.44
C HIS A 218 -10.58 -14.99 12.38
N ILE A 219 -10.15 -14.64 13.60
CA ILE A 219 -9.69 -15.63 14.57
C ILE A 219 -10.76 -16.67 14.82
N THR A 220 -12.03 -16.28 14.77
CA THR A 220 -13.15 -17.12 15.14
C THR A 220 -13.80 -17.78 13.94
N GLU A 221 -13.34 -17.49 12.73
CA GLU A 221 -14.04 -17.96 11.54
C GLU A 221 -13.64 -19.40 11.21
N PRO A 222 -14.42 -20.07 10.35
CA PRO A 222 -14.16 -21.50 10.11
C PRO A 222 -12.90 -21.78 9.29
N ASN A 223 -12.44 -20.84 8.49
CA ASN A 223 -11.38 -21.09 7.52
C ASN A 223 -10.03 -20.54 7.98
N ILE A 224 -9.69 -20.78 9.24
CA ILE A 224 -8.37 -20.46 9.79
C ILE A 224 -7.83 -21.70 10.50
N ASN A 225 -6.54 -21.92 10.37
CA ASN A 225 -5.91 -23.06 11.01
C ASN A 225 -6.06 -22.91 12.53
N PRO A 226 -6.49 -23.96 13.24
CA PRO A 226 -6.79 -23.79 14.68
C PRO A 226 -5.58 -23.44 15.54
N THR A 227 -4.42 -24.04 15.28
CA THR A 227 -3.22 -23.70 16.04
C THR A 227 -2.82 -22.25 15.79
N PHE A 228 -2.91 -21.80 14.55
CA PHE A 228 -2.63 -20.41 14.23
C PHE A 228 -3.62 -19.49 14.91
N ALA A 229 -4.91 -19.84 14.87
CA ALA A 229 -5.91 -19.00 15.51
C ALA A 229 -5.65 -18.86 17.00
N ALA A 230 -5.25 -19.95 17.65
CA ALA A 230 -4.95 -19.88 19.08
C ALA A 230 -3.77 -18.96 19.34
N SER A 231 -2.74 -19.00 18.49
CA SER A 231 -1.60 -18.10 18.68
C SER A 231 -2.00 -16.65 18.51
N LEU A 232 -2.91 -16.37 17.57
CA LEU A 232 -3.39 -14.99 17.41
C LEU A 232 -4.19 -14.56 18.63
N ARG A 233 -5.05 -15.42 19.13
CA ARG A 233 -5.88 -15.06 20.28
C ARG A 233 -5.03 -14.68 21.47
N ALA A 234 -3.87 -15.33 21.64
CA ALA A 234 -3.01 -15.05 22.80
C ALA A 234 -2.63 -13.58 22.88
N ASN A 235 -2.58 -12.87 21.74
CA ASN A 235 -2.24 -11.45 21.75
C ASN A 235 -3.33 -10.58 21.13
N CYS A 236 -4.53 -11.11 20.96
CA CYS A 236 -5.62 -10.35 20.36
C CYS A 236 -6.92 -10.81 21.00
N PRO A 237 -7.38 -10.13 22.03
CA PRO A 237 -8.62 -10.53 22.70
C PRO A 237 -9.84 -10.15 21.88
N ALA A 238 -10.98 -10.74 22.26
CA ALA A 238 -12.23 -10.47 21.57
C ALA A 238 -12.68 -9.03 21.78
N THR A 239 -12.31 -8.44 22.93
CA THR A 239 -12.60 -7.06 23.24
C THR A 239 -11.34 -6.47 23.88
N GLY A 240 -11.07 -5.20 23.58
CA GLY A 240 -9.87 -4.57 24.06
C GLY A 240 -8.65 -5.04 23.30
N GLY A 241 -7.52 -4.40 23.58
CA GLY A 241 -6.30 -4.71 22.85
C GLY A 241 -6.39 -4.39 21.37
N ASP A 242 -7.21 -3.41 21.00
CA ASP A 242 -7.50 -3.14 19.59
C ASP A 242 -6.24 -2.92 18.78
N THR A 243 -5.25 -2.24 19.35
CA THR A 243 -4.07 -1.80 18.63
C THR A 243 -2.92 -2.80 18.67
N ASN A 244 -3.09 -3.94 19.35
CA ASN A 244 -2.03 -4.93 19.39
C ASN A 244 -1.74 -5.42 17.97
N LEU A 245 -0.45 -5.56 17.65
CA LEU A 245 -0.05 -5.87 16.28
C LEU A 245 0.26 -7.34 16.10
N ALA A 246 0.05 -7.81 14.87
CA ALA A 246 0.54 -9.10 14.43
C ALA A 246 1.03 -8.95 13.00
N PRO A 247 2.02 -9.74 12.59
CA PRO A 247 2.48 -9.67 11.20
C PRO A 247 1.42 -10.19 10.24
N LEU A 248 1.28 -9.49 9.11
CA LEU A 248 0.37 -9.99 8.10
C LEU A 248 0.86 -11.33 7.56
N ASP A 249 2.18 -11.48 7.44
CA ASP A 249 2.80 -12.70 6.96
C ASP A 249 3.59 -13.28 8.13
N VAL A 250 3.02 -14.32 8.74
CA VAL A 250 3.65 -14.96 9.88
C VAL A 250 5.00 -15.57 9.53
N THR A 251 5.21 -15.90 8.26
CA THR A 251 6.43 -16.59 7.84
C THR A 251 7.61 -15.64 7.72
N THR A 252 7.50 -14.58 6.90
CA THR A 252 8.56 -13.58 6.75
C THR A 252 7.99 -12.17 6.77
N PRO A 253 7.71 -11.64 7.96
CA PRO A 253 7.01 -10.34 8.05
C PRO A 253 7.78 -9.15 7.51
N ASN A 254 9.10 -9.25 7.35
CA ASN A 254 9.91 -8.15 6.88
C ASN A 254 10.61 -8.45 5.57
N THR A 255 10.17 -9.47 4.86
CA THR A 255 10.79 -9.85 3.60
C THR A 255 9.71 -9.90 2.53
N PHE A 256 9.93 -9.18 1.44
CA PHE A 256 8.99 -9.17 0.33
C PHE A 256 9.24 -10.41 -0.51
N ASP A 257 8.35 -11.39 -0.38
CA ASP A 257 8.48 -12.70 -0.99
C ASP A 257 7.10 -13.29 -1.15
N ASN A 258 7.03 -14.52 -1.66
CA ASN A 258 5.74 -15.15 -1.93
C ASN A 258 5.19 -15.93 -0.73
N ALA A 259 5.77 -15.77 0.47
CA ALA A 259 5.31 -16.55 1.62
C ALA A 259 3.87 -16.22 1.99
N TYR A 260 3.41 -15.02 1.65
CA TYR A 260 2.01 -14.67 1.84
C TYR A 260 1.09 -15.75 1.28
N TYR A 261 1.42 -16.27 0.10
CA TYR A 261 0.55 -17.22 -0.59
C TYR A 261 0.65 -18.61 0.03
N THR A 262 1.84 -19.01 0.44
CA THR A 262 1.94 -20.31 1.11
C THR A 262 1.22 -20.27 2.45
N ASN A 263 1.19 -19.12 3.12
CA ASN A 263 0.33 -19.01 4.30
C ASN A 263 -1.11 -19.32 3.93
N LEU A 264 -1.61 -18.73 2.85
CA LEU A 264 -3.02 -18.93 2.50
C LEU A 264 -3.31 -20.39 2.25
N LEU A 265 -2.39 -21.12 1.60
CA LEU A 265 -2.59 -22.52 1.31
C LEU A 265 -2.64 -23.36 2.57
N ASN A 266 -2.18 -22.81 3.69
CA ASN A 266 -2.17 -23.51 4.97
C ASN A 266 -3.13 -22.88 5.97
N GLN A 267 -4.03 -22.03 5.48
CA GLN A 267 -5.02 -21.36 6.34
C GLN A 267 -4.35 -20.57 7.46
N ARG A 268 -3.26 -19.90 7.09
CA ARG A 268 -2.59 -18.97 8.00
C ARG A 268 -2.58 -17.56 7.44
N GLY A 269 -3.53 -17.23 6.57
CA GLY A 269 -3.78 -15.82 6.29
C GLY A 269 -4.27 -15.11 7.54
N LEU A 270 -3.87 -13.86 7.70
CA LEU A 270 -4.23 -13.13 8.91
C LEU A 270 -5.63 -12.50 8.78
N LEU A 271 -5.88 -11.74 7.72
CA LEU A 271 -7.15 -11.07 7.55
C LEU A 271 -8.18 -11.99 6.90
N HIS A 272 -9.45 -11.74 7.21
CA HIS A 272 -10.53 -12.42 6.52
C HIS A 272 -10.37 -12.29 5.01
N SER A 273 -10.08 -11.09 4.54
CA SER A 273 -9.96 -10.82 3.11
C SER A 273 -8.75 -11.51 2.50
N ASP A 274 -7.70 -11.77 3.27
CA ASP A 274 -6.58 -12.56 2.77
C ASP A 274 -7.04 -13.98 2.48
N GLN A 275 -7.68 -14.62 3.46
CA GLN A 275 -8.04 -16.02 3.29
C GLN A 275 -9.14 -16.20 2.25
N GLU A 276 -9.91 -15.15 1.93
CA GLU A 276 -10.90 -15.24 0.87
C GLU A 276 -10.29 -15.64 -0.47
N LEU A 277 -9.00 -15.37 -0.66
CA LEU A 277 -8.35 -15.67 -1.93
C LEU A 277 -8.09 -17.16 -2.12
N PHE A 278 -8.02 -17.94 -1.04
CA PHE A 278 -7.84 -19.38 -1.14
C PHE A 278 -8.92 -20.01 -0.27
N ASN A 279 -10.02 -20.34 -0.92
CA ASN A 279 -11.26 -20.65 -0.21
C ASN A 279 -12.24 -21.33 -1.13
N ASN A 280 -11.78 -22.32 -1.89
CA ASN A 280 -12.61 -22.98 -2.90
C ASN A 280 -13.21 -21.95 -3.85
N ALA A 281 -12.35 -21.05 -4.32
CA ALA A 281 -12.75 -19.82 -4.99
C ALA A 281 -12.05 -19.70 -6.33
N SER A 282 -12.53 -18.76 -7.13
CA SER A 282 -12.01 -18.57 -8.47
C SER A 282 -10.55 -18.14 -8.47
N THR A 283 -10.04 -17.62 -7.36
CA THR A 283 -8.67 -17.17 -7.24
C THR A 283 -7.72 -18.25 -6.75
N ASP A 284 -8.24 -19.42 -6.37
CA ASP A 284 -7.38 -20.45 -5.79
C ASP A 284 -6.22 -20.81 -6.71
N SER A 285 -6.49 -20.96 -8.01
CA SER A 285 -5.44 -21.43 -8.90
C SER A 285 -4.32 -20.41 -9.04
N THR A 286 -4.65 -19.12 -8.89
CA THR A 286 -3.63 -18.09 -8.93
C THR A 286 -2.80 -18.10 -7.64
N VAL A 287 -3.44 -18.28 -6.50
CA VAL A 287 -2.70 -18.44 -5.25
C VAL A 287 -1.73 -19.62 -5.35
N ARG A 288 -2.21 -20.75 -5.87
CA ARG A 288 -1.33 -21.90 -6.00
C ARG A 288 -0.16 -21.60 -6.93
N ASN A 289 -0.43 -20.90 -8.04
CA ASN A 289 0.63 -20.55 -8.97
C ASN A 289 1.67 -19.65 -8.31
N PHE A 290 1.22 -18.64 -7.57
CA PHE A 290 2.17 -17.71 -6.95
C PHE A 290 2.95 -18.37 -5.82
N ALA A 291 2.35 -19.34 -5.13
CA ALA A 291 3.07 -20.11 -4.13
C ALA A 291 4.15 -20.98 -4.77
N SER A 292 3.88 -21.53 -5.95
CA SER A 292 4.81 -22.40 -6.65
C SER A 292 5.77 -21.67 -7.56
N ASN A 293 5.53 -20.40 -7.83
CA ASN A 293 6.31 -19.66 -8.83
C ASN A 293 6.47 -18.23 -8.34
N ALA A 294 7.53 -18.00 -7.56
CA ALA A 294 7.73 -16.68 -6.96
C ALA A 294 7.88 -15.61 -8.04
N ALA A 295 8.52 -15.95 -9.16
CA ALA A 295 8.69 -14.98 -10.23
C ALA A 295 7.37 -14.63 -10.90
N ALA A 296 6.43 -15.59 -10.98
CA ALA A 296 5.11 -15.27 -11.49
C ALA A 296 4.43 -14.25 -10.59
N PHE A 297 4.61 -14.40 -9.27
CA PHE A 297 4.07 -13.43 -8.35
C PHE A 297 4.72 -12.07 -8.53
N THR A 298 6.05 -12.01 -8.53
CA THR A 298 6.67 -10.68 -8.53
C THR A 298 6.36 -9.93 -9.81
N THR A 299 6.32 -10.63 -10.95
CA THR A 299 6.01 -9.97 -12.21
C THR A 299 4.53 -9.60 -12.30
N ALA A 300 3.64 -10.36 -11.68
CA ALA A 300 2.25 -9.93 -11.61
C ALA A 300 2.12 -8.75 -10.67
N PHE A 301 2.93 -8.72 -9.61
CA PHE A 301 2.87 -7.63 -8.66
C PHE A 301 3.32 -6.32 -9.29
N THR A 302 4.44 -6.33 -10.03
CA THR A 302 4.86 -5.09 -10.67
C THR A 302 3.87 -4.66 -11.73
N THR A 303 3.31 -5.62 -12.47
CA THR A 303 2.31 -5.28 -13.47
C THR A 303 1.15 -4.53 -12.82
N ALA A 304 0.67 -5.04 -11.69
CA ALA A 304 -0.46 -4.42 -11.02
C ALA A 304 -0.07 -3.10 -10.34
N MET A 305 1.13 -3.01 -9.78
CA MET A 305 1.57 -1.77 -9.15
C MET A 305 1.65 -0.66 -10.17
N ILE A 306 2.12 -0.96 -11.38
CA ILE A 306 2.18 0.08 -12.41
C ILE A 306 0.79 0.54 -12.78
N LYS A 307 -0.15 -0.39 -12.92
CA LYS A 307 -1.53 0.00 -13.19
C LYS A 307 -2.05 0.89 -12.07
N MET A 308 -1.83 0.47 -10.82
CA MET A 308 -2.33 1.24 -9.70
C MET A 308 -1.74 2.64 -9.68
N GLY A 309 -0.45 2.76 -9.93
CA GLY A 309 0.20 4.05 -9.91
C GLY A 309 -0.17 4.94 -11.07
N ASN A 310 -0.89 4.40 -12.05
CA ASN A 310 -1.37 5.18 -13.17
C ASN A 310 -2.82 5.63 -13.00
N LEU A 311 -3.41 5.43 -11.82
CA LEU A 311 -4.81 5.80 -11.60
C LEU A 311 -4.97 7.32 -11.54
N GLN A 312 -5.79 7.84 -12.44
CA GLN A 312 -6.35 9.19 -12.40
C GLN A 312 -5.34 10.24 -11.93
N PRO A 313 -4.21 10.40 -12.64
CA PRO A 313 -3.25 11.42 -12.24
C PRO A 313 -3.71 12.80 -12.67
N LEU A 314 -3.32 13.80 -11.89
CA LEU A 314 -3.35 15.18 -12.34
C LEU A 314 -2.03 15.43 -13.06
N THR A 315 -2.09 16.01 -14.26
CA THR A 315 -0.88 16.19 -15.04
C THR A 315 -0.87 17.58 -15.65
N GLY A 316 0.28 17.93 -16.22
CA GLY A 316 0.40 19.17 -16.95
C GLY A 316 0.41 20.35 -16.01
N THR A 317 -0.67 21.13 -16.04
CA THR A 317 -0.87 22.25 -15.12
C THR A 317 -1.96 21.97 -14.11
N GLN A 318 -2.60 20.80 -14.15
CA GLN A 318 -3.63 20.46 -13.18
C GLN A 318 -3.03 20.32 -11.79
N GLY A 319 -3.76 20.77 -10.78
CA GLY A 319 -3.27 20.68 -9.44
C GLY A 319 -2.03 21.55 -9.27
N GLN A 320 -1.21 21.20 -8.29
CA GLN A 320 -0.03 21.99 -8.00
C GLN A 320 1.12 21.08 -7.62
N ILE A 321 2.28 21.67 -7.44
CA ILE A 321 3.38 21.05 -6.71
C ILE A 321 3.34 21.63 -5.31
N ARG A 322 2.92 20.85 -4.33
CA ARG A 322 2.89 21.35 -2.96
C ARG A 322 4.29 21.69 -2.48
N ARG A 323 4.40 22.76 -1.72
CA ARG A 323 5.64 23.03 -1.01
C ARG A 323 5.75 22.17 0.24
N ASN A 324 4.62 21.86 0.88
CA ASN A 324 4.55 21.01 2.06
C ASN A 324 3.40 20.03 1.85
N CYS A 325 3.68 18.74 2.03
CA CYS A 325 2.71 17.76 1.57
C CYS A 325 1.41 17.79 2.37
N TRP A 326 1.44 18.34 3.58
CA TRP A 326 0.25 18.30 4.43
C TRP A 326 -0.74 19.42 4.16
N ARG A 327 -0.40 20.39 3.31
CA ARG A 327 -1.30 21.52 3.10
C ARG A 327 -1.25 21.97 1.65
N VAL A 328 -2.33 22.60 1.22
CA VAL A 328 -2.42 23.21 -0.11
C VAL A 328 -1.60 24.49 -0.10
N ASN A 329 -0.94 24.79 -1.22
CA ASN A 329 -0.24 26.07 -1.35
C ASN A 329 -1.27 27.19 -1.25
#